data_2FJ0
#
_entry.id   2FJ0
#
_cell.length_a   96.820
_cell.length_b   96.820
_cell.length_c   165.395
_cell.angle_alpha   90.00
_cell.angle_beta   90.00
_cell.angle_gamma   90.00
#
_symmetry.space_group_name_H-M   'P 41 21 2'
#
loop_
_entity.id
_entity.type
_entity.pdbx_description
1 polymer 'Carboxylic ester hydrolase'
2 non-polymer 1,1,1-TRIFLUORO-3-(OCTYLTHIO)ACETONE
3 water water
#
_entity_poly.entity_id   1
_entity_poly.type   'polypeptide(L)'
_entity_poly.pdbx_seq_one_letter_code
;RIPSTEEVVVRTESGWIRGLKRRAEGNKSYASFRGVPYAKQPLGELRFKELQPLEPWQDELDATQEGPVCQQTDVLYGRI
MRPRGMSEACIHANIHVPYYALPRDAADKNRFAGLPVLVFIHGGGFAFGSGDSDLHGPEYLVSKDVIVITFNYRLNVYGF
LSLNSTSVPGNAGLRDMVTLLKWVQRNAHFFGGRPDDVTLMGQSAGAAATHILSLSKAADGLFRRAILMSGTSSSAFFTT
NPVFAQYINKLFVTNIGITATDPEEIHQKLIEMPAEKLNEANRFLLEQFGLTTFFPVVESPINGVTTILDGDPEQLIAKG
RGKHIPLIIGFTDAECEIFRRQFEQIDIVSKIKENPGILVPLSVLFSSAPDTVAEITKAMHEKYFKKSVDMEGYIELCTD
SYFMYPAISLAIKRARSNGAPVYLYQFSFDGDYSVFREVNHLNFEGAGHIEDLTYVFRTNSMLGGHASFPPHDKDDHMKY
WMTSFITNFMKYSNPVTDAKLWPEVRADNLRYQDIDTPDVYQNVKPHSEQRDMLDFFDSIYNWNGTSYCIK
;
_entity_poly.pdbx_strand_id   A
#
loop_
_chem_comp.id
_chem_comp.type
_chem_comp.name
_chem_comp.formula
TFC non-polymer 1,1,1-TRIFLUORO-3-(OCTYLTHIO)ACETONE 'C11 H19 F3 O S'
#
# COMPACT_ATOMS: atom_id res chain seq x y z
N GLU A 6 -18.06 27.25 -5.59
CA GLU A 6 -17.21 27.01 -4.39
C GLU A 6 -17.71 25.75 -3.67
N GLU A 7 -19.03 25.64 -3.50
CA GLU A 7 -19.66 24.48 -2.85
C GLU A 7 -20.39 23.63 -3.90
N VAL A 8 -19.93 22.39 -4.09
CA VAL A 8 -20.56 21.50 -5.05
C VAL A 8 -21.40 20.47 -4.33
N VAL A 9 -22.50 20.08 -4.94
CA VAL A 9 -23.36 19.08 -4.32
C VAL A 9 -23.68 17.93 -5.25
N VAL A 10 -23.69 16.73 -4.67
CA VAL A 10 -23.98 15.53 -5.42
C VAL A 10 -24.69 14.52 -4.54
N ARG A 11 -25.32 13.55 -5.19
CA ARG A 11 -26.02 12.52 -4.47
C ARG A 11 -25.20 11.24 -4.50
N THR A 12 -25.33 10.46 -3.42
CA THR A 12 -24.67 9.16 -3.29
C THR A 12 -25.79 8.21 -2.82
N GLU A 13 -25.54 6.91 -2.89
CA GLU A 13 -26.57 5.96 -2.50
C GLU A 13 -27.20 6.28 -1.15
N SER A 14 -26.37 6.64 -0.16
CA SER A 14 -26.88 6.92 1.18
C SER A 14 -27.32 8.31 1.54
N GLY A 15 -27.15 9.25 0.62
CA GLY A 15 -27.55 10.60 0.92
C GLY A 15 -26.84 11.61 0.05
N TRP A 16 -27.08 12.89 0.33
CA TRP A 16 -26.47 13.97 -0.41
C TRP A 16 -25.21 14.40 0.30
N ILE A 17 -24.23 14.89 -0.47
CA ILE A 17 -22.96 15.33 0.13
C ILE A 17 -22.53 16.61 -0.58
N ARG A 18 -21.81 17.47 0.12
CA ARG A 18 -21.34 18.67 -0.53
C ARG A 18 -19.81 18.73 -0.45
N GLY A 19 -19.19 18.75 -1.63
CA GLY A 19 -17.75 18.83 -1.70
C GLY A 19 -17.33 20.26 -1.99
N LEU A 20 -16.10 20.43 -2.47
CA LEU A 20 -15.56 21.75 -2.81
C LEU A 20 -15.05 21.73 -4.22
N LYS A 21 -15.16 22.86 -4.90
CA LYS A 21 -14.62 22.95 -6.25
C LYS A 21 -13.18 23.42 -5.98
N ARG A 22 -12.21 22.71 -6.53
CA ARG A 22 -10.83 23.06 -6.32
C ARG A 22 -10.06 23.12 -7.63
N ARG A 23 -8.81 23.58 -7.55
CA ARG A 23 -7.98 23.71 -8.73
C ARG A 23 -6.94 22.63 -8.84
N ALA A 24 -6.85 22.06 -10.03
CA ALA A 24 -5.86 21.05 -10.32
C ALA A 24 -4.71 21.85 -10.92
N GLU A 25 -3.78 21.19 -11.58
CA GLU A 25 -2.67 21.92 -12.17
C GLU A 25 -3.25 22.81 -13.25
N GLY A 26 -2.75 24.03 -13.34
CA GLY A 26 -3.23 24.96 -14.34
C GLY A 26 -4.61 25.58 -14.09
N ASN A 27 -5.39 25.66 -15.14
CA ASN A 27 -6.71 26.23 -15.00
C ASN A 27 -7.68 25.15 -14.56
N LYS A 28 -7.38 23.91 -14.90
CA LYS A 28 -8.21 22.77 -14.58
C LYS A 28 -8.84 22.83 -13.18
N SER A 29 -10.10 22.45 -13.09
CA SER A 29 -10.82 22.45 -11.81
C SER A 29 -11.48 21.10 -11.60
N TYR A 30 -11.69 20.74 -10.33
CA TYR A 30 -12.32 19.47 -10.03
C TYR A 30 -13.16 19.58 -8.78
N ALA A 31 -14.21 18.77 -8.71
CA ALA A 31 -15.08 18.75 -7.54
C ALA A 31 -14.38 17.77 -6.60
N SER A 32 -14.27 18.10 -5.32
CA SER A 32 -13.58 17.21 -4.39
C SER A 32 -14.36 16.99 -3.10
N PHE A 33 -14.84 15.76 -2.92
CA PHE A 33 -15.61 15.39 -1.72
C PHE A 33 -14.74 14.54 -0.80
N ARG A 34 -14.31 15.13 0.32
CA ARG A 34 -13.46 14.41 1.25
C ARG A 34 -14.18 14.02 2.52
N GLY A 35 -13.74 12.95 3.14
CA GLY A 35 -14.37 12.55 4.38
C GLY A 35 -15.76 11.96 4.22
N VAL A 36 -16.06 11.40 3.06
CA VAL A 36 -17.36 10.80 2.88
C VAL A 36 -17.32 9.42 3.49
N PRO A 37 -18.37 9.05 4.24
CA PRO A 37 -18.40 7.72 4.88
C PRO A 37 -18.77 6.63 3.87
N TYR A 38 -18.08 5.49 3.89
CA TYR A 38 -18.40 4.42 2.96
C TYR A 38 -18.98 3.22 3.71
N ALA A 39 -19.12 3.38 5.02
CA ALA A 39 -19.70 2.34 5.86
C ALA A 39 -19.98 2.91 7.24
N LYS A 40 -20.63 2.12 8.08
CA LYS A 40 -20.93 2.53 9.46
C LYS A 40 -19.56 2.64 10.10
N GLN A 41 -19.39 3.56 11.04
CA GLN A 41 -18.11 3.70 11.69
C GLN A 41 -17.95 2.59 12.69
N PRO A 42 -16.80 1.89 12.67
CA PRO A 42 -16.55 0.77 13.61
C PRO A 42 -16.29 1.32 15.00
N LEU A 43 -17.35 1.75 15.68
CA LEU A 43 -17.15 2.33 16.99
C LEU A 43 -17.39 1.55 18.27
N GLY A 44 -18.34 0.64 18.33
CA GLY A 44 -18.48 0.02 19.65
C GLY A 44 -18.09 -1.42 19.67
N GLU A 45 -19.11 -2.23 19.50
CA GLU A 45 -18.99 -3.66 19.42
C GLU A 45 -18.47 -3.85 18.00
N LEU A 46 -18.33 -2.72 17.29
CA LEU A 46 -17.90 -2.76 15.91
C LEU A 46 -16.41 -2.55 15.67
N ARG A 47 -15.72 -2.03 16.66
CA ARG A 47 -14.28 -1.78 16.59
C ARG A 47 -13.44 -2.74 15.71
N PHE A 48 -13.52 -4.05 15.95
CA PHE A 48 -12.74 -5.02 15.16
C PHE A 48 -13.55 -5.83 14.17
N LYS A 49 -14.87 -5.67 14.20
CA LYS A 49 -15.74 -6.46 13.31
C LYS A 49 -15.86 -5.90 11.90
N GLU A 50 -16.26 -6.73 10.94
CA GLU A 50 -16.40 -6.25 9.58
C GLU A 50 -17.29 -5.01 9.58
N LEU A 51 -17.07 -4.12 8.61
CA LEU A 51 -17.87 -2.89 8.51
C LEU A 51 -19.33 -3.16 8.19
N GLN A 52 -20.22 -2.43 8.87
CA GLN A 52 -21.67 -2.54 8.66
C GLN A 52 -22.13 -1.51 7.63
N PRO A 53 -23.29 -1.75 7.00
CA PRO A 53 -23.79 -0.78 6.01
C PRO A 53 -24.19 0.55 6.64
N LEU A 54 -24.18 1.60 5.82
CA LEU A 54 -24.52 2.96 6.24
C LEU A 54 -25.99 3.29 6.33
N GLU A 55 -26.43 3.73 7.49
CA GLU A 55 -27.83 4.14 7.66
C GLU A 55 -27.88 5.34 6.72
N PRO A 56 -28.99 5.51 5.96
CA PRO A 56 -29.01 6.66 5.06
C PRO A 56 -29.07 7.92 5.88
N TRP A 57 -28.73 9.05 5.28
CA TRP A 57 -28.82 10.31 6.00
C TRP A 57 -29.65 11.34 5.22
N GLN A 58 -29.99 12.42 5.93
CA GLN A 58 -30.78 13.53 5.40
C GLN A 58 -29.92 14.77 5.25
N ASP A 59 -30.41 15.71 4.45
CA ASP A 59 -29.69 16.95 4.26
C ASP A 59 -28.37 16.65 3.59
N GLU A 60 -27.50 17.65 3.52
CA GLU A 60 -26.22 17.46 2.84
C GLU A 60 -25.03 17.23 3.77
N LEU A 61 -24.47 16.03 3.67
CA LEU A 61 -23.29 15.65 4.45
C LEU A 61 -22.09 16.51 4.04
N ASP A 62 -21.39 17.06 5.03
CA ASP A 62 -20.23 17.89 4.76
C ASP A 62 -19.07 17.03 4.29
N ALA A 63 -18.77 17.10 3.00
CA ALA A 63 -17.68 16.35 2.43
C ALA A 63 -16.69 17.39 1.95
N THR A 64 -16.49 18.39 2.80
CA THR A 64 -15.60 19.49 2.52
C THR A 64 -14.14 19.12 2.64
N GLN A 65 -13.81 18.32 3.65
CA GLN A 65 -12.44 17.89 3.83
C GLN A 65 -12.32 16.56 4.52
N GLU A 66 -11.14 15.95 4.43
CA GLU A 66 -10.94 14.65 5.05
C GLU A 66 -11.34 14.67 6.51
N GLY A 67 -11.77 13.52 6.99
CA GLY A 67 -12.15 13.43 8.37
C GLY A 67 -10.94 13.05 9.18
N PRO A 68 -11.12 12.56 10.39
CA PRO A 68 -9.94 12.20 11.15
C PRO A 68 -9.23 11.00 10.49
N VAL A 69 -8.09 10.64 11.07
CA VAL A 69 -7.27 9.55 10.59
C VAL A 69 -7.37 8.38 11.57
N CYS A 70 -7.36 7.15 11.07
CA CYS A 70 -7.46 5.96 11.93
C CYS A 70 -6.41 5.89 13.04
N GLN A 71 -6.80 5.38 14.20
CA GLN A 71 -5.87 5.26 15.32
C GLN A 71 -4.58 4.58 14.89
N GLN A 72 -3.47 5.23 15.23
CA GLN A 72 -2.16 4.72 14.87
C GLN A 72 -1.10 5.52 15.59
N THR A 73 0.14 5.20 15.28
CA THR A 73 1.31 5.86 15.79
C THR A 73 2.19 5.84 14.55
N ASP A 74 2.44 7.02 14.00
CA ASP A 74 3.25 7.12 12.80
C ASP A 74 4.72 7.18 13.10
N VAL A 75 5.40 6.08 12.86
CA VAL A 75 6.83 5.98 13.09
C VAL A 75 7.61 6.33 11.82
N LEU A 76 6.94 6.87 10.80
CA LEU A 76 7.65 7.13 9.55
C LEU A 76 7.47 8.46 8.84
N TYR A 77 6.23 8.82 8.58
CA TYR A 77 5.95 10.02 7.81
C TYR A 77 6.35 11.29 8.45
N GLY A 78 6.32 11.33 9.78
CA GLY A 78 6.69 12.54 10.45
C GLY A 78 5.82 13.68 9.98
N ARG A 79 6.41 14.83 9.66
CA ARG A 79 5.58 15.95 9.29
C ARG A 79 5.06 15.96 7.87
N ILE A 80 5.35 14.92 7.11
CA ILE A 80 4.84 14.89 5.77
C ILE A 80 3.33 14.72 5.87
N MET A 81 2.85 13.98 6.86
CA MET A 81 1.41 13.83 6.98
C MET A 81 0.88 14.72 8.08
N ARG A 82 -0.23 15.38 7.79
CA ARG A 82 -0.85 16.33 8.71
C ARG A 82 -2.33 16.05 8.81
N PRO A 83 -2.68 15.11 9.67
CA PRO A 83 -4.04 14.66 9.93
C PRO A 83 -4.84 15.74 10.58
N ARG A 84 -6.11 15.82 10.24
CA ARG A 84 -7.01 16.78 10.84
C ARG A 84 -7.59 16.05 12.03
N GLY A 85 -6.78 15.27 12.71
CA GLY A 85 -7.32 14.53 13.83
C GLY A 85 -7.20 13.04 13.63
N MET A 86 -7.34 12.31 14.73
CA MET A 86 -7.26 10.87 14.74
C MET A 86 -8.40 10.26 15.54
N SER A 87 -9.06 9.28 14.95
CA SER A 87 -10.19 8.66 15.62
C SER A 87 -10.53 7.30 15.02
N GLU A 88 -11.21 6.47 15.80
CA GLU A 88 -11.62 5.16 15.29
C GLU A 88 -12.69 5.38 14.22
N ALA A 89 -13.22 6.59 14.16
CA ALA A 89 -14.25 6.95 13.19
C ALA A 89 -13.56 7.64 12.05
N CYS A 90 -12.74 6.86 11.35
CA CYS A 90 -11.89 7.28 10.23
C CYS A 90 -12.27 6.67 8.88
N ILE A 91 -13.25 5.75 8.90
CA ILE A 91 -13.69 5.08 7.69
C ILE A 91 -14.42 5.97 6.68
N HIS A 92 -13.66 6.82 6.01
CA HIS A 92 -14.20 7.71 5.00
C HIS A 92 -13.29 7.62 3.77
N ALA A 93 -13.85 8.05 2.64
CA ALA A 93 -13.12 8.05 1.38
C ALA A 93 -13.16 9.49 0.84
N ASN A 94 -12.29 9.78 -0.12
CA ASN A 94 -12.25 11.11 -0.73
C ASN A 94 -12.34 10.87 -2.24
N ILE A 95 -13.25 11.59 -2.89
CA ILE A 95 -13.46 11.43 -4.32
C ILE A 95 -13.25 12.76 -5.06
N HIS A 96 -12.32 12.74 -6.03
CA HIS A 96 -11.99 13.94 -6.79
C HIS A 96 -12.30 13.70 -8.26
N VAL A 97 -13.00 14.64 -8.89
CA VAL A 97 -13.37 14.44 -10.29
C VAL A 97 -13.28 15.68 -11.18
N PRO A 98 -12.70 15.55 -12.39
CA PRO A 98 -12.58 16.68 -13.31
C PRO A 98 -13.93 17.36 -13.33
N TYR A 99 -13.96 18.60 -12.87
CA TYR A 99 -15.20 19.34 -12.73
C TYR A 99 -16.24 19.16 -13.84
N TYR A 100 -15.76 19.11 -15.08
CA TYR A 100 -16.66 19.00 -16.22
C TYR A 100 -17.35 17.66 -16.27
N ALA A 101 -16.78 16.65 -15.61
CA ALA A 101 -17.33 15.31 -15.66
C ALA A 101 -18.43 14.97 -14.67
N LEU A 102 -18.68 15.87 -13.73
CA LEU A 102 -19.70 15.64 -12.73
C LEU A 102 -21.13 15.71 -13.28
N PRO A 103 -21.88 14.59 -13.21
CA PRO A 103 -23.26 14.51 -13.68
C PRO A 103 -24.21 15.53 -13.07
N ARG A 104 -25.23 15.90 -13.84
CA ARG A 104 -26.26 16.85 -13.41
C ARG A 104 -27.62 16.64 -14.09
N ASP A 105 -27.88 15.39 -14.46
CA ASP A 105 -29.13 14.93 -15.07
C ASP A 105 -29.70 15.76 -16.21
N GLY A 114 -18.78 8.29 -19.21
CA GLY A 114 -18.17 8.47 -17.90
C GLY A 114 -16.66 8.37 -17.91
N LEU A 115 -16.03 8.65 -16.77
CA LEU A 115 -14.56 8.62 -16.63
C LEU A 115 -14.02 7.36 -15.95
N PRO A 116 -12.75 7.02 -16.21
CA PRO A 116 -12.12 5.83 -15.58
C PRO A 116 -11.82 6.22 -14.13
N VAL A 117 -11.97 5.31 -13.17
CA VAL A 117 -11.65 5.73 -11.83
C VAL A 117 -10.50 4.97 -11.20
N LEU A 118 -9.78 5.67 -10.34
CA LEU A 118 -8.61 5.13 -9.65
C LEU A 118 -8.81 4.98 -8.14
N VAL A 119 -8.70 3.78 -7.63
CA VAL A 119 -8.85 3.59 -6.19
C VAL A 119 -7.44 3.36 -5.68
N PHE A 120 -7.00 4.14 -4.70
CA PHE A 120 -5.65 4.04 -4.18
C PHE A 120 -5.60 3.61 -2.72
N ILE A 121 -4.73 2.64 -2.42
CA ILE A 121 -4.55 2.14 -1.06
C ILE A 121 -3.19 2.62 -0.57
N HIS A 122 -3.20 3.42 0.48
CA HIS A 122 -2.00 4.03 1.04
C HIS A 122 -1.10 3.07 1.82
N GLY A 123 0.20 3.35 1.81
CA GLY A 123 1.14 2.52 2.53
C GLY A 123 1.27 2.98 3.97
N GLY A 124 2.24 2.42 4.67
CA GLY A 124 2.42 2.77 6.07
C GLY A 124 2.62 1.49 6.88
N GLY A 125 3.15 0.45 6.22
CA GLY A 125 3.39 -0.81 6.89
C GLY A 125 2.20 -1.51 7.53
N PHE A 126 0.98 -1.14 7.12
CA PHE A 126 -0.25 -1.71 7.68
C PHE A 126 -0.45 -1.16 9.10
N ALA A 127 0.47 -0.35 9.59
CA ALA A 127 0.30 0.16 10.94
C ALA A 127 0.01 1.67 11.07
N PHE A 128 0.30 2.44 10.03
CA PHE A 128 0.08 3.87 10.09
C PHE A 128 -0.13 4.44 8.70
N GLY A 129 -0.28 5.76 8.62
CA GLY A 129 -0.54 6.42 7.35
C GLY A 129 -2.01 6.77 7.17
N SER A 130 -2.40 7.26 5.98
CA SER A 130 -3.79 7.59 5.72
C SER A 130 -3.92 7.81 4.23
N GLY A 131 -5.14 8.09 3.80
CA GLY A 131 -5.39 8.34 2.39
C GLY A 131 -5.51 9.83 2.11
N ASP A 132 -5.13 10.65 3.10
CA ASP A 132 -5.22 12.09 2.94
C ASP A 132 -4.40 12.69 1.81
N SER A 133 -4.77 13.92 1.45
CA SER A 133 -4.10 14.66 0.41
C SER A 133 -2.84 15.42 0.94
N ASP A 134 -2.45 15.18 2.19
CA ASP A 134 -1.25 15.86 2.65
C ASP A 134 -0.17 15.25 1.77
N LEU A 135 -0.23 13.92 1.63
CA LEU A 135 0.73 13.18 0.80
C LEU A 135 0.06 12.73 -0.49
N HIS A 136 -1.26 12.65 -0.50
CA HIS A 136 -1.96 12.19 -1.70
C HIS A 136 -2.76 13.23 -2.50
N GLY A 137 -2.09 14.28 -2.94
CA GLY A 137 -2.77 15.31 -3.70
C GLY A 137 -3.28 14.78 -5.03
N PRO A 138 -4.56 14.98 -5.33
CA PRO A 138 -5.05 14.46 -6.62
C PRO A 138 -4.80 15.43 -7.79
N GLU A 139 -4.26 16.60 -7.46
CA GLU A 139 -4.03 17.63 -8.48
C GLU A 139 -3.42 17.19 -9.81
N TYR A 140 -2.36 16.38 -9.79
CA TYR A 140 -1.75 15.95 -11.05
C TYR A 140 -2.70 15.04 -11.79
N LEU A 141 -3.13 13.99 -11.11
CA LEU A 141 -4.03 13.04 -11.73
C LEU A 141 -5.33 13.63 -12.26
N VAL A 142 -6.09 14.27 -11.39
CA VAL A 142 -7.37 14.82 -11.81
C VAL A 142 -7.24 15.78 -12.99
N SER A 143 -6.02 16.13 -13.36
CA SER A 143 -5.75 17.03 -14.49
C SER A 143 -5.63 16.21 -15.78
N LYS A 144 -5.87 14.91 -15.68
CA LYS A 144 -5.74 14.02 -16.83
C LYS A 144 -7.04 13.34 -17.23
N ASP A 145 -8.15 13.89 -16.80
CA ASP A 145 -9.47 13.34 -17.12
C ASP A 145 -9.79 12.01 -16.45
N VAL A 146 -9.44 11.85 -15.18
CA VAL A 146 -9.75 10.61 -14.47
C VAL A 146 -10.21 10.92 -13.05
N ILE A 147 -10.98 10.02 -12.47
CA ILE A 147 -11.44 10.23 -11.09
C ILE A 147 -10.46 9.55 -10.14
N VAL A 148 -10.13 10.26 -9.07
CA VAL A 148 -9.21 9.75 -8.07
C VAL A 148 -9.96 9.51 -6.78
N ILE A 149 -9.81 8.32 -6.23
CA ILE A 149 -10.45 7.97 -4.99
C ILE A 149 -9.45 7.43 -3.96
N THR A 150 -9.30 8.13 -2.84
CA THR A 150 -8.42 7.63 -1.78
C THR A 150 -9.31 7.38 -0.56
N PHE A 151 -8.81 6.70 0.46
CA PHE A 151 -9.63 6.42 1.64
C PHE A 151 -8.81 5.88 2.81
N ASN A 152 -9.44 5.72 3.97
CA ASN A 152 -8.76 5.17 5.12
C ASN A 152 -9.31 3.79 5.40
N TYR A 153 -8.43 2.90 5.88
CA TYR A 153 -8.87 1.56 6.28
C TYR A 153 -8.26 1.39 7.65
N ARG A 154 -8.82 0.46 8.43
CA ARG A 154 -8.35 0.23 9.78
C ARG A 154 -6.90 -0.27 9.80
N LEU A 155 -6.10 0.37 10.67
CA LEU A 155 -4.68 0.08 10.79
C LEU A 155 -4.23 -0.70 12.04
N ASN A 156 -2.94 -1.04 12.04
CA ASN A 156 -2.33 -1.81 13.10
C ASN A 156 -3.29 -2.78 13.79
N VAL A 157 -3.43 -2.70 15.11
CA VAL A 157 -4.29 -3.62 15.83
C VAL A 157 -5.78 -3.54 15.49
N TYR A 158 -6.27 -2.35 15.17
CA TYR A 158 -7.67 -2.21 14.84
C TYR A 158 -8.06 -2.98 13.60
N GLY A 159 -7.20 -2.96 12.60
CA GLY A 159 -7.54 -3.64 11.35
C GLY A 159 -6.83 -4.93 11.08
N PHE A 160 -5.85 -5.32 11.89
CA PHE A 160 -5.14 -6.56 11.60
C PHE A 160 -4.93 -7.51 12.77
N LEU A 161 -5.74 -7.33 13.81
CA LEU A 161 -5.67 -8.21 14.95
C LEU A 161 -6.21 -9.52 14.39
N SER A 162 -5.78 -10.65 14.95
CA SER A 162 -6.28 -11.94 14.48
C SER A 162 -6.42 -12.95 15.61
N LEU A 163 -7.66 -13.36 15.85
CA LEU A 163 -7.97 -14.32 16.90
C LEU A 163 -8.48 -15.64 16.32
N ASN A 164 -8.29 -15.82 15.01
CA ASN A 164 -8.76 -17.02 14.31
C ASN A 164 -10.09 -17.35 14.97
N SER A 165 -10.92 -16.30 15.14
CA SER A 165 -12.24 -16.43 15.74
C SER A 165 -13.27 -16.02 14.70
N THR A 166 -14.52 -15.88 15.12
CA THR A 166 -15.60 -15.53 14.20
C THR A 166 -15.77 -14.04 14.17
N SER A 167 -15.42 -13.41 15.28
CA SER A 167 -15.53 -11.98 15.41
C SER A 167 -14.28 -11.30 14.92
N VAL A 168 -13.16 -12.02 14.99
CA VAL A 168 -11.89 -11.47 14.57
C VAL A 168 -11.08 -12.56 13.88
N PRO A 169 -11.52 -12.97 12.68
CA PRO A 169 -10.82 -14.03 11.93
C PRO A 169 -9.51 -13.51 11.35
N GLY A 170 -9.36 -12.18 11.39
CA GLY A 170 -8.19 -11.48 10.88
C GLY A 170 -8.48 -10.75 9.57
N ASN A 171 -7.59 -9.85 9.18
CA ASN A 171 -7.72 -9.11 7.90
C ASN A 171 -8.82 -8.05 7.81
N ALA A 172 -9.32 -7.61 8.96
CA ALA A 172 -10.36 -6.58 8.99
C ALA A 172 -9.95 -5.42 8.07
N GLY A 173 -8.68 -5.05 8.13
CA GLY A 173 -8.18 -3.96 7.32
C GLY A 173 -8.43 -4.18 5.84
N LEU A 174 -8.15 -5.38 5.37
CA LEU A 174 -8.37 -5.70 3.97
C LEU A 174 -9.85 -5.72 3.66
N ARG A 175 -10.65 -6.16 4.62
CA ARG A 175 -12.09 -6.19 4.38
C ARG A 175 -12.57 -4.76 4.13
N ASP A 176 -12.08 -3.83 4.94
CA ASP A 176 -12.48 -2.43 4.78
C ASP A 176 -12.28 -1.97 3.34
N MET A 177 -11.23 -2.48 2.70
CA MET A 177 -10.92 -2.13 1.32
C MET A 177 -11.97 -2.70 0.38
N VAL A 178 -12.37 -3.94 0.64
CA VAL A 178 -13.38 -4.60 -0.17
C VAL A 178 -14.72 -3.88 -0.02
N THR A 179 -15.01 -3.47 1.20
CA THR A 179 -16.24 -2.75 1.51
C THR A 179 -16.26 -1.48 0.70
N LEU A 180 -15.11 -0.80 0.67
CA LEU A 180 -15.01 0.42 -0.09
C LEU A 180 -14.96 0.19 -1.60
N LEU A 181 -14.45 -0.94 -2.05
CA LEU A 181 -14.43 -1.17 -3.48
C LEU A 181 -15.85 -1.48 -3.93
N LYS A 182 -16.63 -2.10 -3.04
CA LYS A 182 -18.02 -2.40 -3.37
C LYS A 182 -18.79 -1.07 -3.39
N TRP A 183 -18.56 -0.24 -2.36
CA TRP A 183 -19.18 1.08 -2.27
C TRP A 183 -18.88 1.87 -3.55
N VAL A 184 -17.71 1.63 -4.13
CA VAL A 184 -17.35 2.33 -5.35
C VAL A 184 -18.16 1.80 -6.52
N GLN A 185 -18.44 0.51 -6.51
CA GLN A 185 -19.20 -0.05 -7.61
C GLN A 185 -20.60 0.56 -7.70
N ARG A 186 -21.24 0.73 -6.55
CA ARG A 186 -22.59 1.27 -6.53
C ARG A 186 -22.63 2.75 -6.77
N ASN A 187 -21.69 3.48 -6.16
CA ASN A 187 -21.65 4.94 -6.26
C ASN A 187 -20.82 5.55 -7.38
N ALA A 188 -20.09 4.76 -8.13
CA ALA A 188 -19.26 5.34 -9.18
C ALA A 188 -20.03 6.34 -10.08
N HIS A 189 -21.14 5.88 -10.69
CA HIS A 189 -21.91 6.75 -11.60
C HIS A 189 -22.26 8.11 -11.02
N PHE A 190 -22.80 8.15 -9.79
CA PHE A 190 -23.13 9.41 -9.16
C PHE A 190 -22.06 10.47 -9.38
N PHE A 191 -20.81 10.03 -9.50
CA PHE A 191 -19.67 10.92 -9.73
C PHE A 191 -19.30 11.02 -11.21
N GLY A 192 -20.01 10.30 -12.06
CA GLY A 192 -19.68 10.35 -13.46
C GLY A 192 -18.52 9.41 -13.79
N GLY A 193 -18.34 8.37 -12.95
CA GLY A 193 -17.27 7.42 -13.13
C GLY A 193 -17.79 6.07 -13.55
N ARG A 194 -16.97 5.32 -14.28
CA ARG A 194 -17.36 3.99 -14.76
C ARG A 194 -16.96 2.90 -13.80
N PRO A 195 -17.93 2.27 -13.10
CA PRO A 195 -17.56 1.22 -12.16
C PRO A 195 -16.93 0.03 -12.87
N ASP A 196 -17.19 -0.06 -14.18
CA ASP A 196 -16.67 -1.13 -15.02
C ASP A 196 -15.24 -0.84 -15.43
N ASP A 197 -14.69 0.27 -14.97
CA ASP A 197 -13.30 0.59 -15.30
C ASP A 197 -12.55 1.24 -14.14
N VAL A 198 -12.45 0.48 -13.04
CA VAL A 198 -11.77 0.90 -11.83
C VAL A 198 -10.37 0.29 -11.84
N THR A 199 -9.38 1.09 -11.49
CA THR A 199 -8.00 0.62 -11.41
C THR A 199 -7.52 0.74 -9.96
N LEU A 200 -7.12 -0.37 -9.36
CA LEU A 200 -6.64 -0.35 -7.99
C LEU A 200 -5.12 -0.17 -7.94
N MET A 201 -4.68 0.73 -7.07
CA MET A 201 -3.27 1.04 -6.90
C MET A 201 -2.89 1.14 -5.45
N GLY A 202 -1.63 0.87 -5.14
CA GLY A 202 -1.17 1.02 -3.76
C GLY A 202 0.34 1.13 -3.78
N GLN A 203 0.93 1.51 -2.66
CA GLN A 203 2.38 1.54 -2.59
C GLN A 203 2.72 1.02 -1.19
N SER A 204 3.80 0.25 -1.13
CA SER A 204 4.23 -0.40 0.13
C SER A 204 3.08 -1.27 0.64
N ALA A 205 2.89 -1.32 1.95
CA ALA A 205 1.80 -2.14 2.49
C ALA A 205 0.59 -1.96 1.57
N GLY A 206 0.35 -0.72 1.13
CA GLY A 206 -0.77 -0.44 0.24
C GLY A 206 -0.72 -1.30 -1.02
N ALA A 207 0.46 -1.40 -1.63
CA ALA A 207 0.61 -2.19 -2.84
C ALA A 207 0.44 -3.66 -2.51
N ALA A 208 1.00 -4.06 -1.37
CA ALA A 208 0.92 -5.45 -0.93
C ALA A 208 -0.55 -5.84 -0.71
N ALA A 209 -1.31 -4.92 -0.12
CA ALA A 209 -2.74 -5.17 0.12
C ALA A 209 -3.42 -5.29 -1.23
N THR A 210 -3.08 -4.40 -2.16
CA THR A 210 -3.68 -4.43 -3.48
C THR A 210 -3.39 -5.77 -4.11
N HIS A 211 -2.13 -6.19 -4.11
CA HIS A 211 -1.81 -7.46 -4.73
C HIS A 211 -2.65 -8.55 -4.10
N ILE A 212 -2.71 -8.56 -2.78
CA ILE A 212 -3.49 -9.57 -2.09
C ILE A 212 -4.95 -9.57 -2.54
N LEU A 213 -5.61 -8.40 -2.51
CA LEU A 213 -6.98 -8.38 -2.92
C LEU A 213 -7.08 -9.02 -4.29
N SER A 214 -6.15 -8.68 -5.19
CA SER A 214 -6.19 -9.24 -6.53
C SER A 214 -6.24 -10.79 -6.55
N LEU A 215 -5.92 -11.43 -5.43
CA LEU A 215 -5.93 -12.88 -5.33
C LEU A 215 -7.15 -13.37 -4.60
N SER A 216 -7.94 -12.45 -4.07
CA SER A 216 -9.12 -12.80 -3.29
C SER A 216 -10.34 -12.99 -4.14
N LYS A 217 -10.84 -14.22 -4.17
CA LYS A 217 -12.03 -14.49 -4.95
C LYS A 217 -13.20 -13.65 -4.40
N ALA A 218 -12.98 -13.06 -3.23
CA ALA A 218 -14.01 -12.22 -2.58
C ALA A 218 -13.93 -10.77 -3.06
N ALA A 219 -13.03 -10.49 -4.00
CA ALA A 219 -12.86 -9.14 -4.53
C ALA A 219 -13.11 -9.16 -6.03
N ASP A 220 -13.60 -10.29 -6.52
CA ASP A 220 -13.86 -10.44 -7.93
C ASP A 220 -14.82 -9.37 -8.44
N GLY A 221 -14.44 -8.73 -9.55
CA GLY A 221 -15.30 -7.72 -10.12
C GLY A 221 -15.27 -6.35 -9.46
N LEU A 222 -14.32 -6.12 -8.57
CA LEU A 222 -14.28 -4.84 -7.94
C LEU A 222 -13.33 -3.87 -8.62
N PHE A 223 -12.52 -4.37 -9.56
CA PHE A 223 -11.57 -3.54 -10.29
C PHE A 223 -11.01 -4.31 -11.51
N ARG A 224 -10.74 -3.60 -12.61
CA ARG A 224 -10.28 -4.24 -13.83
C ARG A 224 -8.77 -4.54 -13.96
N ARG A 225 -7.93 -3.80 -13.23
CA ARG A 225 -6.47 -3.99 -13.27
C ARG A 225 -5.89 -3.37 -11.99
N ALA A 226 -4.57 -3.47 -11.81
CA ALA A 226 -3.97 -2.91 -10.61
C ALA A 226 -2.56 -2.39 -10.83
N ILE A 227 -2.11 -1.53 -9.90
CA ILE A 227 -0.77 -0.95 -9.96
C ILE A 227 -0.06 -1.20 -8.63
N LEU A 228 1.06 -1.92 -8.69
CA LEU A 228 1.87 -2.26 -7.51
C LEU A 228 3.13 -1.44 -7.42
N MET A 229 3.06 -0.36 -6.66
CA MET A 229 4.18 0.54 -6.46
C MET A 229 5.02 0.10 -5.24
N SER A 230 6.09 -0.65 -5.49
CA SER A 230 6.96 -1.17 -4.43
C SER A 230 6.21 -1.96 -3.35
N GLY A 231 5.57 -3.05 -3.76
CA GLY A 231 4.85 -3.89 -2.81
C GLY A 231 4.23 -5.10 -3.47
N THR A 232 4.22 -6.25 -2.79
CA THR A 232 3.59 -7.44 -3.33
C THR A 232 3.04 -8.30 -2.21
N SER A 233 2.14 -9.19 -2.57
CA SER A 233 1.50 -10.07 -1.60
C SER A 233 2.51 -10.87 -0.78
N SER A 234 3.65 -11.20 -1.37
CA SER A 234 4.62 -11.96 -0.59
C SER A 234 5.92 -11.22 -0.35
N SER A 235 5.92 -9.90 -0.49
CA SER A 235 7.14 -9.14 -0.21
C SER A 235 7.61 -9.54 1.21
N ALA A 236 8.91 -9.71 1.38
CA ALA A 236 9.44 -10.13 2.66
C ALA A 236 9.36 -9.14 3.82
N PHE A 237 9.02 -7.87 3.57
CA PHE A 237 8.95 -6.93 4.67
C PHE A 237 7.86 -7.25 5.67
N PHE A 238 7.09 -8.30 5.40
CA PHE A 238 6.04 -8.70 6.33
C PHE A 238 5.73 -10.18 6.10
N THR A 239 4.71 -10.68 6.79
CA THR A 239 4.35 -12.08 6.60
C THR A 239 2.88 -12.35 6.90
N THR A 240 2.28 -13.24 6.12
CA THR A 240 0.89 -13.59 6.32
C THR A 240 0.80 -14.88 7.12
N ASN A 241 1.93 -15.30 7.71
CA ASN A 241 2.01 -16.53 8.48
C ASN A 241 1.20 -16.58 9.78
N PRO A 242 0.31 -17.58 9.89
CA PRO A 242 -0.61 -17.86 11.00
C PRO A 242 0.07 -18.02 12.36
N VAL A 243 1.19 -18.74 12.38
CA VAL A 243 1.92 -18.93 13.63
C VAL A 243 2.34 -17.54 14.14
N PHE A 244 2.99 -16.76 13.27
CA PHE A 244 3.43 -15.42 13.61
C PHE A 244 2.29 -14.58 14.16
N ALA A 245 1.15 -14.66 13.50
CA ALA A 245 0.01 -13.89 13.96
C ALA A 245 -0.23 -14.20 15.43
N GLN A 246 -0.37 -15.48 15.74
CA GLN A 246 -0.62 -15.95 17.10
C GLN A 246 0.40 -15.37 18.06
N TYR A 247 1.66 -15.53 17.69
CA TYR A 247 2.75 -15.00 18.48
C TYR A 247 2.48 -13.54 18.88
N ILE A 248 2.57 -12.66 17.89
CA ILE A 248 2.38 -11.23 18.10
C ILE A 248 1.08 -10.86 18.81
N ASN A 249 0.02 -11.60 18.52
CA ASN A 249 -1.26 -11.34 19.16
C ASN A 249 -1.17 -11.69 20.64
N LYS A 250 -0.78 -12.92 20.94
CA LYS A 250 -0.67 -13.35 22.33
C LYS A 250 0.36 -12.51 23.08
N LEU A 251 1.23 -11.84 22.33
CA LEU A 251 2.24 -10.96 22.90
C LEU A 251 1.62 -9.60 23.22
N PHE A 252 0.59 -9.25 22.46
CA PHE A 252 -0.09 -7.99 22.65
C PHE A 252 -0.99 -8.11 23.89
N VAL A 253 -1.90 -9.08 23.86
CA VAL A 253 -2.82 -9.34 24.96
C VAL A 253 -2.05 -9.50 26.25
N THR A 254 -0.90 -10.16 26.16
CA THR A 254 -0.07 -10.34 27.33
C THR A 254 0.31 -8.96 27.79
N ASN A 255 1.15 -8.27 27.01
CA ASN A 255 1.59 -6.90 27.34
C ASN A 255 0.46 -5.96 27.73
N ILE A 256 -0.74 -6.18 27.18
CA ILE A 256 -1.84 -5.29 27.47
C ILE A 256 -2.56 -5.56 28.80
N GLY A 257 -2.16 -6.61 29.49
CA GLY A 257 -2.78 -6.89 30.76
C GLY A 257 -3.92 -7.87 30.75
N ILE A 258 -4.42 -8.23 29.57
CA ILE A 258 -5.50 -9.22 29.51
C ILE A 258 -4.98 -10.55 30.08
N THR A 259 -5.90 -11.38 30.57
CA THR A 259 -5.55 -12.70 31.11
C THR A 259 -6.54 -13.72 30.59
N ALA A 260 -7.69 -13.23 30.12
CA ALA A 260 -8.70 -14.12 29.57
C ALA A 260 -8.08 -15.00 28.50
N THR A 261 -8.70 -16.13 28.20
CA THR A 261 -8.12 -17.01 27.21
C THR A 261 -9.07 -17.34 26.07
N ASP A 262 -10.36 -17.32 26.36
CA ASP A 262 -11.38 -17.60 25.36
C ASP A 262 -11.25 -16.55 24.25
N PRO A 263 -11.31 -16.97 22.98
CA PRO A 263 -11.21 -16.03 21.86
C PRO A 263 -12.14 -14.84 22.07
N GLU A 264 -13.42 -15.13 22.26
CA GLU A 264 -14.40 -14.08 22.48
C GLU A 264 -14.13 -13.20 23.69
N GLU A 265 -13.74 -13.81 24.81
CA GLU A 265 -13.50 -13.02 26.02
C GLU A 265 -12.35 -12.02 25.79
N ILE A 266 -11.28 -12.50 25.16
CA ILE A 266 -10.13 -11.66 24.87
C ILE A 266 -10.65 -10.48 24.06
N HIS A 267 -11.60 -10.79 23.20
CA HIS A 267 -12.22 -9.82 22.34
C HIS A 267 -12.95 -8.77 23.20
N GLN A 268 -13.95 -9.21 23.97
CA GLN A 268 -14.70 -8.29 24.81
C GLN A 268 -13.80 -7.32 25.54
N LYS A 269 -12.79 -7.85 26.22
CA LYS A 269 -11.87 -7.00 26.98
C LYS A 269 -11.29 -5.92 26.10
N LEU A 270 -11.00 -6.30 24.86
CA LEU A 270 -10.42 -5.39 23.88
C LEU A 270 -11.45 -4.37 23.45
N ILE A 271 -12.66 -4.85 23.17
CA ILE A 271 -13.78 -4.02 22.78
C ILE A 271 -14.01 -2.90 23.78
N GLU A 272 -13.91 -3.23 25.07
CA GLU A 272 -14.11 -2.26 26.15
C GLU A 272 -12.86 -1.50 26.60
N MET A 273 -11.74 -1.79 25.95
CA MET A 273 -10.49 -1.13 26.28
C MET A 273 -10.50 0.25 25.67
N PRO A 274 -9.94 1.26 26.34
CA PRO A 274 -9.96 2.60 25.73
C PRO A 274 -8.88 2.71 24.65
N ALA A 275 -9.21 3.41 23.56
CA ALA A 275 -8.32 3.62 22.41
C ALA A 275 -6.87 3.73 22.82
N GLU A 276 -6.57 4.76 23.60
CA GLU A 276 -5.22 4.99 24.06
C GLU A 276 -4.48 3.75 24.60
N LYS A 277 -5.12 2.94 25.47
CA LYS A 277 -4.47 1.74 26.01
C LYS A 277 -4.03 0.82 24.87
N LEU A 278 -4.82 0.79 23.80
CA LEU A 278 -4.49 -0.05 22.64
C LEU A 278 -3.33 0.58 21.87
N ASN A 279 -3.41 1.88 21.64
CA ASN A 279 -2.39 2.63 20.93
C ASN A 279 -1.01 2.47 21.58
N GLU A 280 -0.99 2.49 22.91
CA GLU A 280 0.25 2.34 23.68
C GLU A 280 0.79 0.93 23.55
N ALA A 281 -0.11 -0.04 23.64
CA ALA A 281 0.26 -1.45 23.53
C ALA A 281 0.76 -1.81 22.11
N ASN A 282 0.31 -1.07 21.10
CA ASN A 282 0.76 -1.32 19.72
C ASN A 282 2.06 -0.55 19.49
N ARG A 283 2.21 0.57 20.17
CA ARG A 283 3.42 1.37 20.04
C ARG A 283 4.55 0.59 20.70
N PHE A 284 4.19 -0.38 21.53
CA PHE A 284 5.12 -1.26 22.25
C PHE A 284 5.73 -2.21 21.21
N LEU A 285 4.85 -2.77 20.39
CA LEU A 285 5.27 -3.67 19.33
C LEU A 285 6.05 -2.89 18.29
N LEU A 286 5.72 -1.62 18.09
CA LEU A 286 6.43 -0.80 17.12
C LEU A 286 7.87 -0.68 17.55
N GLU A 287 8.09 -0.59 18.85
CA GLU A 287 9.44 -0.51 19.38
C GLU A 287 10.15 -1.83 19.09
N GLN A 288 9.47 -2.94 19.32
CA GLN A 288 10.05 -4.25 19.09
C GLN A 288 10.32 -4.69 17.63
N PHE A 289 9.48 -4.24 16.69
CA PHE A 289 9.64 -4.62 15.27
C PHE A 289 10.10 -3.49 14.33
N GLY A 290 10.17 -2.27 14.84
CA GLY A 290 10.61 -1.18 14.00
C GLY A 290 9.55 -0.37 13.27
N LEU A 291 9.10 -0.87 12.12
CA LEU A 291 8.12 -0.15 11.31
C LEU A 291 6.80 -0.83 11.06
N THR A 292 6.55 -1.95 11.73
CA THR A 292 5.29 -2.68 11.53
C THR A 292 4.88 -3.40 12.81
N THR A 293 3.63 -3.79 12.87
CA THR A 293 3.18 -4.56 14.00
C THR A 293 2.38 -5.66 13.35
N PHE A 294 1.05 -5.59 13.40
CA PHE A 294 0.20 -6.64 12.81
C PHE A 294 0.22 -6.69 11.29
N PHE A 295 -0.16 -7.84 10.75
CA PHE A 295 -0.15 -8.09 9.30
C PHE A 295 -1.35 -8.93 8.81
N PRO A 296 -1.50 -9.04 7.47
CA PRO A 296 -2.60 -9.86 6.95
C PRO A 296 -2.18 -11.28 7.26
N VAL A 297 -3.14 -12.19 7.34
CA VAL A 297 -2.81 -13.59 7.61
C VAL A 297 -3.61 -14.48 6.72
N VAL A 298 -3.08 -15.66 6.49
CA VAL A 298 -3.82 -16.64 5.72
C VAL A 298 -4.87 -17.03 6.76
N GLU A 299 -6.13 -17.07 6.38
CA GLU A 299 -7.17 -17.41 7.36
C GLU A 299 -7.83 -18.73 7.05
N SER A 300 -8.37 -19.36 8.10
CA SER A 300 -9.04 -20.63 7.97
C SER A 300 -10.48 -20.27 7.68
N PRO A 301 -11.22 -21.16 7.01
CA PRO A 301 -12.62 -20.83 6.72
C PRO A 301 -13.33 -20.71 8.06
N ILE A 302 -14.16 -19.68 8.21
CA ILE A 302 -14.88 -19.46 9.45
C ILE A 302 -16.33 -19.00 9.22
N ASN A 303 -17.26 -19.76 9.78
CA ASN A 303 -18.71 -19.55 9.74
C ASN A 303 -19.36 -18.59 8.74
N GLY A 304 -19.55 -17.32 9.13
CA GLY A 304 -20.15 -16.36 8.22
C GLY A 304 -19.13 -15.29 7.91
N VAL A 305 -17.97 -15.75 7.43
CA VAL A 305 -16.84 -14.87 7.14
C VAL A 305 -16.33 -14.72 5.72
N THR A 306 -16.29 -13.46 5.28
CA THR A 306 -15.78 -13.09 3.96
C THR A 306 -14.29 -13.46 4.08
N THR A 307 -13.88 -14.61 3.53
CA THR A 307 -12.45 -14.93 3.59
C THR A 307 -11.71 -14.09 2.55
N ILE A 308 -10.86 -13.18 3.00
CA ILE A 308 -10.11 -12.35 2.09
C ILE A 308 -8.91 -13.13 1.61
N LEU A 309 -8.21 -13.81 2.50
CA LEU A 309 -7.05 -14.58 2.08
C LEU A 309 -7.17 -16.05 2.49
N ASP A 310 -7.35 -16.93 1.52
CA ASP A 310 -7.51 -18.34 1.82
C ASP A 310 -6.28 -19.20 1.55
N GLY A 311 -5.08 -18.64 1.65
CA GLY A 311 -3.91 -19.47 1.42
C GLY A 311 -2.65 -18.65 1.38
N ASP A 312 -1.50 -19.32 1.25
CA ASP A 312 -0.25 -18.62 1.19
C ASP A 312 -0.20 -17.94 -0.16
N PRO A 313 0.01 -16.61 -0.20
CA PRO A 313 0.05 -15.92 -1.49
C PRO A 313 0.88 -16.66 -2.51
N GLU A 314 2.11 -16.98 -2.13
CA GLU A 314 3.04 -17.68 -2.99
C GLU A 314 2.45 -18.94 -3.64
N GLN A 315 1.76 -19.77 -2.86
CA GLN A 315 1.17 -20.99 -3.41
C GLN A 315 -0.04 -20.62 -4.25
N LEU A 316 -0.72 -19.55 -3.87
CA LEU A 316 -1.88 -19.12 -4.63
C LEU A 316 -1.38 -18.69 -6.00
N ILE A 317 -0.39 -17.82 -6.01
CA ILE A 317 0.15 -17.37 -7.27
C ILE A 317 0.58 -18.58 -8.11
N ALA A 318 1.28 -19.53 -7.51
CA ALA A 318 1.74 -20.71 -8.24
C ALA A 318 0.64 -21.33 -9.10
N LYS A 319 -0.59 -21.33 -8.59
CA LYS A 319 -1.75 -21.89 -9.31
C LYS A 319 -2.46 -20.83 -10.15
N GLY A 320 -1.78 -19.72 -10.45
CA GLY A 320 -2.37 -18.65 -11.26
C GLY A 320 -3.55 -17.93 -10.65
N ARG A 321 -3.64 -17.98 -9.33
CA ARG A 321 -4.73 -17.37 -8.59
C ARG A 321 -5.07 -15.90 -8.84
N GLY A 322 -4.24 -15.14 -9.54
CA GLY A 322 -4.63 -13.77 -9.78
C GLY A 322 -4.10 -13.29 -11.12
N LYS A 323 -3.68 -14.23 -11.94
CA LYS A 323 -3.08 -13.93 -13.22
C LYS A 323 -3.91 -13.14 -14.25
N HIS A 324 -5.19 -12.91 -13.98
CA HIS A 324 -6.00 -12.20 -14.96
C HIS A 324 -6.19 -10.72 -14.70
N ILE A 325 -5.48 -10.20 -13.71
CA ILE A 325 -5.56 -8.79 -13.42
C ILE A 325 -4.31 -8.21 -14.04
N PRO A 326 -4.43 -7.52 -15.18
CA PRO A 326 -3.19 -6.97 -15.74
C PRO A 326 -2.65 -5.95 -14.74
N LEU A 327 -1.33 -5.81 -14.68
CA LEU A 327 -0.81 -4.84 -13.73
C LEU A 327 0.53 -4.21 -14.01
N ILE A 328 0.81 -3.09 -13.33
CA ILE A 328 2.10 -2.40 -13.46
C ILE A 328 2.86 -2.71 -12.16
N ILE A 329 4.05 -3.30 -12.29
CA ILE A 329 4.83 -3.61 -11.11
C ILE A 329 6.00 -2.64 -11.04
N GLY A 330 6.08 -1.87 -9.96
CA GLY A 330 7.17 -0.93 -9.81
C GLY A 330 8.10 -1.22 -8.64
N PHE A 331 9.23 -0.50 -8.60
CA PHE A 331 10.22 -0.61 -7.54
C PHE A 331 11.27 0.43 -7.81
N THR A 332 11.90 0.92 -6.76
CA THR A 332 12.92 1.94 -6.91
C THR A 332 14.35 1.39 -6.85
N ASP A 333 15.25 2.27 -7.22
CA ASP A 333 16.70 2.10 -7.28
C ASP A 333 17.33 1.68 -5.93
N ALA A 334 17.06 2.51 -4.93
CA ALA A 334 17.61 2.36 -3.60
C ALA A 334 16.53 2.29 -2.53
N GLU A 335 15.45 1.60 -2.84
CA GLU A 335 14.33 1.46 -1.92
C GLU A 335 14.60 1.90 -0.48
N CYS A 336 15.30 1.09 0.28
CA CYS A 336 15.51 1.38 1.68
C CYS A 336 16.44 2.49 2.15
N GLU A 337 16.90 3.33 1.25
CA GLU A 337 17.76 4.43 1.65
C GLU A 337 16.89 5.40 2.42
N ILE A 338 15.62 5.42 2.07
CA ILE A 338 14.62 6.28 2.65
C ILE A 338 14.38 6.03 4.14
N PHE A 339 14.71 4.82 4.60
CA PHE A 339 14.49 4.44 6.00
C PHE A 339 15.68 4.67 6.95
N ARG A 340 16.83 5.08 6.43
CA ARG A 340 18.02 5.23 7.26
C ARG A 340 17.75 5.90 8.61
N ARG A 341 17.08 7.03 8.58
CA ARG A 341 16.77 7.77 9.77
C ARG A 341 16.12 6.88 10.84
N GLN A 342 15.18 6.03 10.46
CA GLN A 342 14.55 5.19 11.47
C GLN A 342 15.37 3.96 11.76
N PHE A 343 16.11 3.48 10.78
CA PHE A 343 16.96 2.31 11.01
C PHE A 343 17.88 2.66 12.18
N GLU A 344 18.34 3.89 12.22
CA GLU A 344 19.21 4.35 13.29
C GLU A 344 18.46 4.43 14.62
N GLN A 345 17.27 5.03 14.60
CA GLN A 345 16.49 5.19 15.81
C GLN A 345 16.31 3.83 16.48
N ILE A 346 16.01 2.78 15.70
CA ILE A 346 15.82 1.47 16.29
C ILE A 346 17.15 0.76 16.47
N ASP A 347 18.16 1.29 15.79
CA ASP A 347 19.50 0.74 15.85
C ASP A 347 19.52 -0.66 15.31
N ILE A 348 19.27 -0.79 14.01
CA ILE A 348 19.25 -2.09 13.38
C ILE A 348 20.56 -2.82 13.48
N VAL A 349 21.67 -2.09 13.51
CA VAL A 349 22.96 -2.77 13.59
C VAL A 349 22.96 -3.59 14.87
N SER A 350 22.62 -2.94 15.98
CA SER A 350 22.57 -3.63 17.25
C SER A 350 21.58 -4.78 17.16
N LYS A 351 20.37 -4.49 16.69
CA LYS A 351 19.36 -5.52 16.59
C LYS A 351 19.88 -6.72 15.81
N ILE A 352 20.57 -6.46 14.71
CA ILE A 352 21.07 -7.58 13.92
C ILE A 352 22.01 -8.47 14.73
N LYS A 353 22.95 -7.85 15.44
CA LYS A 353 23.89 -8.58 16.26
C LYS A 353 23.13 -9.44 17.24
N GLU A 354 22.10 -8.88 17.83
CA GLU A 354 21.31 -9.61 18.78
C GLU A 354 20.40 -10.64 18.16
N ASN A 355 19.88 -10.36 16.97
CA ASN A 355 18.99 -11.29 16.29
C ASN A 355 19.43 -11.48 14.86
N PRO A 356 20.36 -12.39 14.64
CA PRO A 356 20.89 -12.71 13.32
C PRO A 356 19.81 -13.25 12.36
N GLY A 357 18.62 -13.47 12.87
CA GLY A 357 17.53 -13.99 12.06
C GLY A 357 16.76 -12.87 11.40
N ILE A 358 17.04 -11.65 11.82
CA ILE A 358 16.39 -10.47 11.27
C ILE A 358 16.74 -10.40 9.79
N LEU A 359 17.87 -10.98 9.41
CA LEU A 359 18.26 -10.97 8.01
C LEU A 359 17.42 -11.95 7.22
N VAL A 360 16.71 -12.82 7.91
CA VAL A 360 15.89 -13.82 7.25
C VAL A 360 14.40 -13.49 7.21
N PRO A 361 13.80 -13.59 6.01
CA PRO A 361 12.37 -13.33 5.76
C PRO A 361 11.51 -13.95 6.87
N LEU A 362 10.75 -13.13 7.59
CA LEU A 362 9.88 -13.65 8.62
C LEU A 362 9.14 -14.89 8.13
N SER A 363 8.78 -14.87 6.86
CA SER A 363 8.06 -16.00 6.25
C SER A 363 8.84 -17.31 6.22
N VAL A 364 10.17 -17.27 6.28
CA VAL A 364 10.94 -18.50 6.26
C VAL A 364 11.19 -18.99 7.68
N LEU A 365 11.47 -18.03 8.55
CA LEU A 365 11.71 -18.33 9.95
C LEU A 365 10.51 -19.11 10.53
N PHE A 366 9.30 -18.73 10.12
CA PHE A 366 8.13 -19.40 10.65
C PHE A 366 7.57 -20.53 9.79
N SER A 367 8.25 -20.83 8.70
CA SER A 367 7.78 -21.90 7.83
C SER A 367 8.79 -23.03 7.69
N SER A 368 10.03 -22.67 7.36
CA SER A 368 11.09 -23.65 7.17
C SER A 368 11.40 -24.52 8.39
N ALA A 369 12.23 -25.56 8.18
CA ALA A 369 12.60 -26.50 9.24
C ALA A 369 13.81 -26.00 10.04
N PRO A 370 13.86 -26.36 11.34
CA PRO A 370 14.93 -25.96 12.26
C PRO A 370 16.33 -25.85 11.65
N ASP A 371 16.84 -26.93 11.06
CA ASP A 371 18.17 -26.88 10.46
C ASP A 371 18.18 -25.97 9.24
N THR A 372 17.08 -25.98 8.49
CA THR A 372 16.92 -25.16 7.30
C THR A 372 17.24 -23.71 7.60
N VAL A 373 16.43 -23.16 8.50
CA VAL A 373 16.56 -21.77 8.97
C VAL A 373 18.03 -21.46 9.21
N ALA A 374 18.56 -22.13 10.24
CA ALA A 374 19.93 -22.02 10.68
C ALA A 374 20.87 -21.76 9.51
N GLU A 375 20.85 -22.68 8.55
CA GLU A 375 21.70 -22.59 7.39
C GLU A 375 21.45 -21.34 6.57
N ILE A 376 20.17 -21.00 6.39
CA ILE A 376 19.82 -19.80 5.63
C ILE A 376 20.30 -18.57 6.43
N THR A 377 19.99 -18.57 7.72
CA THR A 377 20.39 -17.49 8.62
C THR A 377 21.86 -17.22 8.38
N LYS A 378 22.61 -18.30 8.29
CA LYS A 378 24.05 -18.25 8.00
C LYS A 378 24.20 -17.52 6.66
N ALA A 379 23.85 -18.23 5.59
CA ALA A 379 23.91 -17.75 4.22
C ALA A 379 23.60 -16.26 4.04
N MET A 380 22.49 -15.81 4.63
CA MET A 380 22.08 -14.40 4.53
C MET A 380 23.10 -13.44 5.12
N HIS A 381 23.54 -13.76 6.34
CA HIS A 381 24.52 -12.99 7.10
C HIS A 381 25.82 -12.85 6.29
N GLU A 382 26.36 -14.00 5.96
CA GLU A 382 27.58 -14.09 5.19
C GLU A 382 27.44 -13.29 3.89
N LYS A 383 26.24 -13.31 3.34
CA LYS A 383 25.96 -12.62 2.09
C LYS A 383 26.13 -11.09 2.07
N TYR A 384 25.68 -10.38 3.11
CA TYR A 384 25.80 -8.92 3.16
C TYR A 384 26.74 -8.37 4.22
N PHE A 385 27.13 -9.21 5.16
CA PHE A 385 28.01 -8.75 6.23
C PHE A 385 29.30 -9.53 6.41
N LYS A 386 30.30 -9.09 5.65
CA LYS A 386 31.65 -9.67 5.65
C LYS A 386 32.43 -9.32 6.94
N LYS A 387 32.98 -8.09 6.94
CA LYS A 387 33.78 -7.50 8.01
C LYS A 387 32.98 -7.10 9.25
N SER A 388 31.74 -6.68 9.04
CA SER A 388 30.93 -6.23 10.16
C SER A 388 29.48 -5.96 9.82
N VAL A 389 28.61 -6.18 10.80
CA VAL A 389 27.20 -5.90 10.65
C VAL A 389 27.19 -4.37 10.61
N ASP A 390 26.77 -3.80 9.48
CA ASP A 390 26.75 -2.35 9.37
C ASP A 390 25.53 -1.85 8.59
N MET A 391 25.15 -0.60 8.85
CA MET A 391 24.02 0.07 8.22
C MET A 391 23.86 -0.19 6.74
N GLU A 392 24.74 0.37 5.92
CA GLU A 392 24.63 0.18 4.48
C GLU A 392 24.43 -1.28 4.06
N GLY A 393 25.05 -2.19 4.79
CA GLY A 393 24.88 -3.59 4.49
C GLY A 393 23.42 -3.94 4.61
N TYR A 394 22.77 -3.53 5.71
CA TYR A 394 21.35 -3.82 5.91
C TYR A 394 20.51 -3.13 4.86
N ILE A 395 20.78 -1.85 4.58
CA ILE A 395 20.01 -1.14 3.58
C ILE A 395 19.97 -1.91 2.26
N GLU A 396 21.08 -2.56 1.92
CA GLU A 396 21.17 -3.35 0.69
C GLU A 396 20.21 -4.53 0.84
N LEU A 397 20.34 -5.21 1.97
CA LEU A 397 19.52 -6.38 2.30
C LEU A 397 18.02 -6.02 2.14
N CYS A 398 17.57 -5.02 2.90
CA CYS A 398 16.19 -4.54 2.88
C CYS A 398 15.71 -4.21 1.47
N THR A 399 16.48 -3.42 0.71
CA THR A 399 16.06 -3.08 -0.63
C THR A 399 15.86 -4.30 -1.52
N ASP A 400 16.88 -5.14 -1.61
CA ASP A 400 16.77 -6.34 -2.44
C ASP A 400 15.64 -7.25 -1.94
N SER A 401 15.79 -7.72 -0.72
CA SER A 401 14.84 -8.64 -0.10
C SER A 401 13.40 -8.15 0.07
N TYR A 402 13.22 -6.89 0.41
CA TYR A 402 11.88 -6.41 0.65
C TYR A 402 11.20 -5.83 -0.56
N PHE A 403 11.99 -5.39 -1.55
CA PHE A 403 11.36 -4.76 -2.68
C PHE A 403 11.77 -5.16 -4.05
N MET A 404 13.04 -5.00 -4.36
CA MET A 404 13.54 -5.31 -5.68
C MET A 404 13.29 -6.76 -6.04
N TYR A 405 13.72 -7.67 -5.18
CA TYR A 405 13.50 -9.07 -5.50
C TYR A 405 12.03 -9.39 -5.72
N PRO A 406 11.18 -9.15 -4.71
CA PRO A 406 9.75 -9.42 -4.81
C PRO A 406 9.11 -8.89 -6.09
N ALA A 407 9.49 -7.69 -6.48
CA ALA A 407 8.92 -7.11 -7.69
C ALA A 407 9.30 -7.86 -8.95
N ILE A 408 10.59 -8.07 -9.14
CA ILE A 408 11.03 -8.76 -10.34
C ILE A 408 10.60 -10.22 -10.36
N SER A 409 10.61 -10.85 -9.20
CA SER A 409 10.20 -12.24 -9.16
C SER A 409 8.74 -12.36 -9.57
N LEU A 410 7.95 -11.34 -9.22
CA LEU A 410 6.53 -11.32 -9.57
C LEU A 410 6.39 -11.08 -11.08
N ALA A 411 7.15 -10.14 -11.63
CA ALA A 411 7.07 -9.84 -13.04
C ALA A 411 7.32 -11.13 -13.79
N ILE A 412 8.41 -11.81 -13.43
CA ILE A 412 8.76 -13.06 -14.09
C ILE A 412 7.66 -14.11 -13.92
N LYS A 413 7.37 -14.49 -12.68
CA LYS A 413 6.34 -15.49 -12.45
C LYS A 413 5.06 -15.20 -13.21
N ARG A 414 4.66 -13.94 -13.26
CA ARG A 414 3.42 -13.60 -13.94
C ARG A 414 3.50 -13.77 -15.45
N ALA A 415 4.62 -13.40 -16.04
CA ALA A 415 4.80 -13.49 -17.47
C ALA A 415 4.88 -14.92 -17.98
N ARG A 416 4.97 -15.88 -17.08
CA ARG A 416 5.03 -17.26 -17.56
C ARG A 416 3.90 -18.09 -17.00
N SER A 417 2.72 -17.47 -16.90
CA SER A 417 1.58 -18.19 -16.39
C SER A 417 0.39 -18.02 -17.29
N ASN A 418 0.65 -17.57 -18.52
CA ASN A 418 -0.42 -17.38 -19.50
C ASN A 418 -1.58 -16.62 -18.83
N GLY A 419 -1.27 -15.44 -18.33
CA GLY A 419 -2.30 -14.65 -17.69
C GLY A 419 -2.33 -13.34 -18.39
N ALA A 420 -2.84 -12.31 -17.73
CA ALA A 420 -2.93 -10.99 -18.31
C ALA A 420 -1.54 -10.35 -18.42
N PRO A 421 -1.44 -9.24 -19.17
CA PRO A 421 -0.13 -8.59 -19.29
C PRO A 421 0.41 -8.03 -17.96
N VAL A 422 1.69 -7.68 -17.97
CA VAL A 422 2.34 -7.18 -16.77
C VAL A 422 3.42 -6.22 -17.24
N TYR A 423 3.48 -5.03 -16.64
CA TYR A 423 4.51 -4.06 -17.02
C TYR A 423 5.36 -3.76 -15.78
N LEU A 424 6.68 -3.93 -15.93
CA LEU A 424 7.65 -3.75 -14.85
C LEU A 424 8.53 -2.53 -15.02
N TYR A 425 8.77 -1.78 -13.94
CA TYR A 425 9.61 -0.60 -14.02
C TYR A 425 10.53 -0.41 -12.84
N GLN A 426 11.61 0.32 -13.09
CA GLN A 426 12.56 0.64 -12.04
C GLN A 426 12.71 2.14 -12.00
N PHE A 427 12.21 2.73 -10.92
CA PHE A 427 12.29 4.17 -10.73
C PHE A 427 13.67 4.48 -10.16
N SER A 428 14.48 5.20 -10.92
CA SER A 428 15.82 5.55 -10.48
C SER A 428 16.10 7.05 -10.51
N PHE A 429 15.06 7.82 -10.84
CA PHE A 429 15.14 9.28 -10.89
C PHE A 429 15.49 9.92 -9.53
N ASP A 430 16.59 10.68 -9.50
CA ASP A 430 17.07 11.34 -8.28
C ASP A 430 16.66 12.82 -8.29
N GLY A 431 15.37 13.10 -8.16
CA GLY A 431 14.88 14.47 -8.19
C GLY A 431 15.66 15.60 -7.55
N ASP A 432 15.37 16.83 -7.99
CA ASP A 432 16.03 18.02 -7.45
C ASP A 432 15.46 18.31 -6.07
N TYR A 433 14.16 18.07 -5.91
CA TYR A 433 13.50 18.27 -4.63
C TYR A 433 12.86 16.95 -4.19
N SER A 434 13.29 16.42 -3.03
CA SER A 434 12.78 15.14 -2.52
C SER A 434 12.26 15.25 -1.09
N VAL A 435 10.99 15.56 -0.95
CA VAL A 435 10.35 15.72 0.36
C VAL A 435 10.85 14.81 1.51
N PHE A 436 10.96 13.50 1.26
CA PHE A 436 11.41 12.56 2.29
C PHE A 436 12.89 12.71 2.75
N ARG A 437 13.77 13.17 1.86
CA ARG A 437 15.18 13.34 2.22
C ARG A 437 15.25 14.66 3.00
N GLU A 438 14.39 15.58 2.60
CA GLU A 438 14.30 16.87 3.26
C GLU A 438 13.94 16.61 4.74
N VAL A 439 12.73 16.10 4.96
CA VAL A 439 12.24 15.81 6.30
C VAL A 439 13.12 14.90 7.15
N ASN A 440 13.91 14.04 6.53
CA ASN A 440 14.76 13.09 7.27
C ASN A 440 16.26 13.39 7.18
N HIS A 441 16.61 14.38 6.38
CA HIS A 441 18.01 14.73 6.20
C HIS A 441 18.76 13.48 5.72
N LEU A 442 18.50 13.11 4.47
CA LEU A 442 19.15 11.94 3.90
C LEU A 442 20.14 12.37 2.84
N ASN A 443 20.92 11.43 2.35
CA ASN A 443 21.89 11.79 1.34
C ASN A 443 22.34 10.53 0.68
N PHE A 444 21.84 10.27 -0.52
CA PHE A 444 22.21 9.05 -1.24
C PHE A 444 21.86 9.22 -2.69
N GLU A 445 22.34 8.31 -3.51
CA GLU A 445 22.02 8.43 -4.91
C GLU A 445 20.96 7.41 -5.26
N GLY A 446 20.21 7.72 -6.32
CA GLY A 446 19.14 6.85 -6.78
C GLY A 446 17.80 7.34 -6.29
N ALA A 447 16.84 6.42 -6.26
CA ALA A 447 15.50 6.76 -5.80
C ALA A 447 15.12 5.81 -4.67
N GLY A 448 14.71 6.39 -3.55
CA GLY A 448 14.32 5.57 -2.43
C GLY A 448 12.83 5.30 -2.43
N HIS A 449 12.45 4.34 -1.61
CA HIS A 449 11.07 3.91 -1.42
C HIS A 449 10.11 5.09 -1.23
N ILE A 450 8.95 5.03 -1.90
CA ILE A 450 7.89 6.06 -1.83
C ILE A 450 8.07 7.27 -2.73
N GLU A 451 9.28 7.49 -3.24
CA GLU A 451 9.51 8.68 -4.05
C GLU A 451 8.80 8.68 -5.37
N ASP A 452 8.71 7.53 -6.03
CA ASP A 452 7.99 7.50 -7.30
C ASP A 452 6.55 7.92 -7.03
N LEU A 453 6.02 7.51 -5.88
CA LEU A 453 4.65 7.86 -5.48
C LEU A 453 4.46 9.38 -5.44
N THR A 454 5.54 10.12 -5.25
CA THR A 454 5.43 11.57 -5.17
C THR A 454 5.38 12.27 -6.51
N TYR A 455 5.58 11.54 -7.60
CA TYR A 455 5.53 12.18 -8.90
C TYR A 455 4.21 11.86 -9.58
N VAL A 456 3.34 11.21 -8.81
CA VAL A 456 1.99 10.83 -9.24
C VAL A 456 0.98 11.59 -8.35
N PHE A 457 1.33 11.76 -7.07
CA PHE A 457 0.47 12.50 -6.15
C PHE A 457 1.18 13.76 -5.70
N ARG A 458 0.41 14.83 -5.53
CA ARG A 458 1.00 16.09 -5.10
C ARG A 458 1.07 16.10 -3.58
N THR A 459 2.29 16.20 -3.06
CA THR A 459 2.53 16.25 -1.63
C THR A 459 2.14 17.63 -1.12
N ASN A 460 0.85 17.93 -1.12
CA ASN A 460 0.32 19.23 -0.70
C ASN A 460 0.77 19.79 0.64
N SER A 461 1.19 18.90 1.53
CA SER A 461 1.63 19.30 2.85
C SER A 461 3.03 19.87 2.82
N MET A 462 3.71 19.77 1.68
CA MET A 462 5.06 20.26 1.60
C MET A 462 5.28 21.19 0.46
N LEU A 463 4.45 21.12 -0.57
CA LEU A 463 4.64 22.04 -1.68
C LEU A 463 4.01 23.35 -1.27
N GLY A 464 4.07 24.32 -2.15
CA GLY A 464 3.49 25.58 -1.76
C GLY A 464 2.34 25.84 -2.67
N GLY A 465 2.57 26.80 -3.57
CA GLY A 465 1.56 27.16 -4.53
C GLY A 465 2.20 26.83 -5.86
N HIS A 466 3.24 26.00 -5.79
CA HIS A 466 3.95 25.59 -6.99
C HIS A 466 3.04 25.04 -8.12
N ALA A 467 3.42 25.37 -9.35
CA ALA A 467 2.68 24.92 -10.54
C ALA A 467 3.56 23.89 -11.18
N SER A 468 3.04 22.69 -11.33
CA SER A 468 3.81 21.61 -11.90
C SER A 468 3.54 21.37 -13.40
N PHE A 469 2.30 21.62 -13.84
CA PHE A 469 1.91 21.49 -15.25
C PHE A 469 1.38 22.85 -15.76
N PRO A 470 1.83 23.29 -16.95
CA PRO A 470 2.80 22.53 -17.76
C PRO A 470 4.15 22.48 -17.06
N PRO A 471 4.87 21.38 -17.27
CA PRO A 471 6.19 21.15 -16.68
C PRO A 471 7.23 22.10 -17.26
N HIS A 472 8.22 22.44 -16.45
CA HIS A 472 9.31 23.29 -16.91
C HIS A 472 10.59 22.79 -16.24
N ASP A 473 10.57 22.61 -14.93
CA ASP A 473 11.77 22.09 -14.28
C ASP A 473 11.80 20.59 -14.52
N LYS A 474 12.96 19.98 -14.31
CA LYS A 474 13.14 18.54 -14.52
C LYS A 474 12.12 17.75 -13.72
N ASP A 475 12.05 18.04 -12.42
CA ASP A 475 11.11 17.34 -11.54
C ASP A 475 9.67 17.35 -11.99
N ASP A 476 9.13 18.49 -12.40
CA ASP A 476 7.74 18.50 -12.82
C ASP A 476 7.60 17.73 -14.13
N HIS A 477 8.66 17.67 -14.92
CA HIS A 477 8.54 16.92 -16.15
C HIS A 477 8.33 15.46 -15.81
N MET A 478 8.98 14.99 -14.74
CA MET A 478 8.83 13.60 -14.30
C MET A 478 7.39 13.44 -13.76
N LYS A 479 6.89 14.46 -13.07
CA LYS A 479 5.54 14.36 -12.57
C LYS A 479 4.63 14.05 -13.74
N TYR A 480 4.77 14.84 -14.80
CA TYR A 480 3.93 14.68 -15.97
C TYR A 480 4.02 13.29 -16.58
N TRP A 481 5.24 12.82 -16.75
CA TRP A 481 5.48 11.52 -17.36
C TRP A 481 4.88 10.37 -16.51
N MET A 482 5.16 10.39 -15.20
CA MET A 482 4.66 9.36 -14.30
C MET A 482 3.15 9.35 -14.23
N THR A 483 2.56 10.51 -13.98
CA THR A 483 1.12 10.51 -13.89
C THR A 483 0.50 10.10 -15.22
N SER A 484 1.27 10.21 -16.30
CA SER A 484 0.74 9.84 -17.60
C SER A 484 0.70 8.32 -17.74
N PHE A 485 1.70 7.65 -17.17
CA PHE A 485 1.73 6.20 -17.22
C PHE A 485 0.53 5.67 -16.43
N ILE A 486 0.23 6.35 -15.33
CA ILE A 486 -0.87 5.92 -14.52
C ILE A 486 -2.20 6.11 -15.24
N THR A 487 -2.44 7.27 -15.85
CA THR A 487 -3.73 7.46 -16.52
C THR A 487 -3.88 6.65 -17.82
N ASN A 488 -2.80 6.46 -18.57
CA ASN A 488 -2.88 5.67 -19.79
C ASN A 488 -3.29 4.25 -19.42
N PHE A 489 -2.61 3.69 -18.42
CA PHE A 489 -2.92 2.34 -17.99
C PHE A 489 -4.40 2.26 -17.62
N MET A 490 -4.88 3.19 -16.81
CA MET A 490 -6.26 3.10 -16.43
C MET A 490 -7.19 3.42 -17.58
N LYS A 491 -6.65 4.02 -18.65
CA LYS A 491 -7.48 4.34 -19.82
C LYS A 491 -7.38 3.24 -20.86
N TYR A 492 -6.19 2.73 -21.13
CA TYR A 492 -6.02 1.73 -22.17
C TYR A 492 -5.42 0.42 -21.72
N SER A 493 -5.30 0.24 -20.41
CA SER A 493 -4.71 -0.96 -19.85
C SER A 493 -3.29 -1.15 -20.37
N ASN A 494 -2.64 -0.04 -20.62
CA ASN A 494 -1.26 -0.04 -21.06
C ASN A 494 -0.72 1.29 -20.61
N PRO A 495 0.48 1.31 -20.03
CA PRO A 495 1.07 2.58 -19.58
C PRO A 495 1.54 3.52 -20.68
N VAL A 496 1.56 3.04 -21.93
CA VAL A 496 2.00 3.87 -23.06
C VAL A 496 1.03 3.86 -24.22
N THR A 497 1.10 4.91 -25.02
CA THR A 497 0.22 5.02 -26.17
C THR A 497 0.89 4.45 -27.42
N ASP A 498 2.13 3.98 -27.30
CA ASP A 498 2.85 3.36 -28.41
C ASP A 498 3.39 2.03 -27.90
N ALA A 499 2.55 1.01 -28.03
CA ALA A 499 2.86 -0.33 -27.54
C ALA A 499 4.32 -0.79 -27.56
N LYS A 500 5.16 -0.20 -28.41
CA LYS A 500 6.53 -0.67 -28.44
C LYS A 500 7.50 0.09 -27.56
N LEU A 501 7.06 1.22 -27.02
CA LEU A 501 7.93 2.03 -26.19
C LEU A 501 8.15 1.36 -24.84
N TRP A 502 7.13 0.65 -24.36
CA TRP A 502 7.25 -0.05 -23.10
C TRP A 502 6.54 -1.39 -23.21
N PRO A 503 7.23 -2.39 -23.76
CA PRO A 503 6.71 -3.74 -23.96
C PRO A 503 6.36 -4.52 -22.69
N GLU A 504 5.34 -5.33 -22.86
CA GLU A 504 4.83 -6.25 -21.85
C GLU A 504 6.07 -7.05 -21.40
N VAL A 505 6.00 -7.65 -20.24
CA VAL A 505 7.12 -8.46 -19.75
C VAL A 505 7.12 -9.83 -20.44
N ARG A 506 8.29 -10.22 -20.92
CA ARG A 506 8.45 -11.49 -21.59
C ARG A 506 9.25 -12.36 -20.64
N ALA A 507 8.87 -13.62 -20.46
CA ALA A 507 9.65 -14.50 -19.58
C ALA A 507 11.06 -14.78 -20.19
N ASP A 508 11.09 -15.14 -21.48
CA ASP A 508 12.35 -15.43 -22.18
C ASP A 508 13.36 -14.29 -22.14
N ASN A 509 12.89 -13.06 -21.97
CA ASN A 509 13.79 -11.92 -21.90
C ASN A 509 13.23 -10.93 -20.90
N LEU A 510 13.69 -11.02 -19.66
CA LEU A 510 13.22 -10.11 -18.67
C LEU A 510 13.89 -8.76 -18.88
N ARG A 511 13.11 -7.70 -18.74
CA ARG A 511 13.62 -6.33 -18.90
C ARG A 511 12.59 -5.46 -18.20
N TYR A 512 13.02 -4.31 -17.73
CA TYR A 512 12.11 -3.42 -17.05
C TYR A 512 12.25 -2.07 -17.67
N GLN A 513 11.18 -1.28 -17.67
CA GLN A 513 11.25 0.06 -18.22
C GLN A 513 12.07 0.83 -17.18
N ASP A 514 13.20 1.39 -17.58
CA ASP A 514 14.02 2.13 -16.65
C ASP A 514 13.61 3.59 -16.61
N ILE A 515 12.77 3.93 -15.64
CA ILE A 515 12.31 5.31 -15.47
C ILE A 515 13.49 6.01 -14.79
N ASP A 516 13.97 7.07 -15.42
CA ASP A 516 15.13 7.78 -14.90
C ASP A 516 15.23 9.18 -15.45
N THR A 517 14.99 9.34 -16.74
CA THR A 517 15.06 10.66 -17.33
C THR A 517 13.74 10.99 -18.00
N PRO A 518 13.09 12.10 -17.58
CA PRO A 518 11.81 12.51 -18.14
C PRO A 518 11.79 12.52 -19.66
N ASP A 519 10.80 11.81 -20.21
CA ASP A 519 10.52 11.70 -21.64
C ASP A 519 11.45 10.83 -22.47
N VAL A 520 12.18 9.93 -21.80
CA VAL A 520 13.12 9.02 -22.44
C VAL A 520 12.78 7.57 -22.09
N TYR A 521 12.32 6.80 -23.08
CA TYR A 521 11.96 5.40 -22.87
C TYR A 521 13.16 4.50 -23.01
N GLN A 522 13.10 3.34 -22.37
CA GLN A 522 14.17 2.37 -22.46
C GLN A 522 13.98 1.15 -21.58
N ASN A 523 13.70 0.02 -22.21
CA ASN A 523 13.55 -1.22 -21.43
C ASN A 523 14.92 -1.82 -21.46
N VAL A 524 15.46 -2.17 -20.30
CA VAL A 524 16.79 -2.74 -20.25
C VAL A 524 16.85 -3.99 -19.42
N LYS A 525 17.92 -4.77 -19.60
CA LYS A 525 18.06 -5.97 -18.82
C LYS A 525 18.52 -5.54 -17.45
N PRO A 526 18.45 -6.45 -16.48
CA PRO A 526 18.87 -6.16 -15.13
C PRO A 526 20.40 -6.19 -15.06
N HIS A 527 20.99 -5.35 -14.24
CA HIS A 527 22.44 -5.35 -14.12
C HIS A 527 22.92 -6.68 -13.52
N SER A 528 24.26 -6.84 -13.55
CA SER A 528 24.94 -8.02 -13.05
C SER A 528 24.46 -8.42 -11.65
N GLU A 529 24.65 -7.50 -10.71
CA GLU A 529 24.23 -7.69 -9.32
C GLU A 529 22.78 -8.11 -9.29
N GLN A 530 21.94 -7.35 -10.01
CA GLN A 530 20.52 -7.65 -10.04
C GLN A 530 20.31 -9.11 -10.44
N ARG A 531 21.01 -9.56 -11.46
CA ARG A 531 20.90 -10.95 -11.88
C ARG A 531 21.37 -11.83 -10.72
N ASP A 532 22.51 -11.46 -10.14
CA ASP A 532 23.10 -12.21 -9.02
C ASP A 532 22.13 -12.29 -7.85
N MET A 533 21.53 -11.15 -7.55
CA MET A 533 20.57 -11.05 -6.46
C MET A 533 19.41 -12.01 -6.69
N LEU A 534 18.92 -12.05 -7.93
CA LEU A 534 17.82 -12.93 -8.26
C LEU A 534 18.15 -14.38 -7.91
N ASP A 535 19.23 -14.88 -8.53
CA ASP A 535 19.69 -16.26 -8.33
C ASP A 535 19.84 -16.56 -6.85
N PHE A 536 20.56 -15.67 -6.19
CA PHE A 536 20.80 -15.78 -4.77
C PHE A 536 19.47 -15.96 -4.04
N PHE A 537 18.56 -15.01 -4.27
CA PHE A 537 17.29 -15.08 -3.61
C PHE A 537 16.42 -16.23 -4.04
N ASP A 538 16.61 -16.73 -5.26
CA ASP A 538 15.80 -17.85 -5.71
C ASP A 538 16.20 -19.08 -4.88
N SER A 539 17.48 -19.42 -4.92
CA SER A 539 18.04 -20.57 -4.19
C SER A 539 17.60 -20.57 -2.74
N ILE A 540 17.54 -19.37 -2.17
CA ILE A 540 17.12 -19.18 -0.79
C ILE A 540 15.65 -19.50 -0.60
N TYR A 541 14.81 -19.06 -1.53
CA TYR A 541 13.39 -19.29 -1.38
C TYR A 541 12.81 -20.69 -1.66
N ASN A 542 13.60 -21.59 -2.24
CA ASN A 542 13.13 -22.97 -2.48
C ASN A 542 14.19 -23.98 -2.00
N TRP A 543 15.03 -23.50 -1.08
CA TRP A 543 16.11 -24.24 -0.42
C TRP A 543 15.75 -25.70 -0.15
C1 TFC B . 12.97 -2.78 10.67
C2 TFC B . 13.01 -2.95 9.15
C3 TFC B . 11.77 -2.34 8.51
C4 TFC B . 11.83 -2.39 6.98
C5 TFC B . 10.59 -1.75 6.36
C6 TFC B . 9.35 -2.59 6.67
C7 TFC B . 8.04 -1.88 6.35
C8 TFC B . 7.85 -1.59 4.85
S1 TFC B . 6.12 -1.09 4.51
C9 TFC B . 6.33 -0.13 2.98
C10 TFC B . 5.41 1.09 2.90
O1 TFC B . 4.06 0.65 3.14
C11 TFC B . 5.76 2.24 3.85
F1 TFC B . 4.94 3.26 3.63
F2 TFC B . 7.00 2.67 3.64
F3 TFC B . 5.65 1.87 5.13
#